data_5DUV
#
_entry.id   5DUV
#
_cell.length_a   62.920
_cell.length_b   64.750
_cell.length_c   64.470
_cell.angle_alpha   90.000
_cell.angle_beta   91.260
_cell.angle_gamma   90.000
#
_symmetry.space_group_name_H-M   'P 1 21 1'
#
loop_
_entity.id
_entity.type
_entity.pdbx_description
1 polymer Galectin-4
2 branched beta-D-galactopyranose-(1-4)-beta-D-glucopyranose
3 non-polymer 'CALCIUM ION'
4 non-polymer 'ACETATE ION'
5 water water
#
_entity_poly.entity_id   1
_entity_poly.type   'polypeptide(L)'
_entity_poly.pdbx_seq_one_letter_code
;MAYVPAPGYQPTYNPTLPYYQPIPGGLNVGMSVYIQGVASEHMKRFFVNFVVGQDPGSDVAFHFNPRFDGWDKVVFNTLQ
GGKWGSEERKRSMPFKKGAAFELVFIVLAEHYKVVVNGNPFYEYGHRLPLQMVTHLQVDGDLQLQSINFIGGQPL
;
_entity_poly.pdbx_strand_id   A,B,C,D
#
loop_
_chem_comp.id
_chem_comp.type
_chem_comp.name
_chem_comp.formula
ACT non-polymer 'ACETATE ION' 'C2 H3 O2 -1'
BGC D-saccharide, beta linking beta-D-glucopyranose 'C6 H12 O6'
CA non-polymer 'CALCIUM ION' 'Ca 2'
GAL D-saccharide, beta linking beta-D-galactopyranose 'C6 H12 O6'
#
# COMPACT_ATOMS: atom_id res chain seq x y z
N ASN A 14 13.64 -0.33 21.10
CA ASN A 14 13.87 -0.05 19.66
C ASN A 14 12.77 -0.65 18.80
N PRO A 15 12.31 0.11 17.79
CA PRO A 15 11.27 -0.41 16.92
C PRO A 15 11.68 -1.75 16.30
N THR A 16 10.70 -2.62 16.08
CA THR A 16 10.94 -3.91 15.42
C THR A 16 10.59 -3.82 13.94
N LEU A 17 11.08 -4.78 13.18
CA LEU A 17 10.83 -4.88 11.75
C LEU A 17 9.94 -6.08 11.47
N PRO A 18 9.08 -5.98 10.45
CA PRO A 18 8.87 -4.78 9.66
C PRO A 18 8.19 -3.67 10.47
N TYR A 19 8.53 -2.43 10.14
CA TYR A 19 8.01 -1.26 10.83
C TYR A 19 6.98 -0.59 9.92
N TYR A 20 5.80 -0.32 10.47
CA TYR A 20 4.72 0.27 9.67
C TYR A 20 3.89 1.14 10.61
N GLN A 21 4.19 2.43 10.61
CA GLN A 21 3.80 3.35 11.67
C GLN A 21 3.01 4.55 11.14
N PRO A 22 1.91 4.90 11.81
CA PRO A 22 1.21 6.13 11.40
C PRO A 22 2.05 7.36 11.68
N ILE A 23 2.09 8.29 10.70
CA ILE A 23 2.81 9.54 10.86
C ILE A 23 1.87 10.52 11.54
N PRO A 24 2.30 11.12 12.65
CA PRO A 24 1.32 11.94 13.39
C PRO A 24 0.82 13.14 12.58
N GLY A 25 -0.49 13.20 12.37
CA GLY A 25 -1.11 14.30 11.62
C GLY A 25 -0.95 14.14 10.11
N GLY A 26 -0.42 13.00 9.70
CA GLY A 26 -0.11 12.76 8.30
C GLY A 26 1.13 13.53 7.87
N LEU A 27 1.62 13.21 6.69
CA LEU A 27 2.75 13.91 6.12
C LEU A 27 2.33 15.35 5.76
N ASN A 28 3.20 16.31 6.05
CA ASN A 28 3.01 17.68 5.62
C ASN A 28 4.35 18.37 5.33
N VAL A 29 4.32 19.41 4.48
CA VAL A 29 5.50 20.19 4.18
C VAL A 29 6.11 20.72 5.46
N GLY A 30 7.44 20.78 5.51
CA GLY A 30 8.13 21.25 6.70
C GLY A 30 8.56 20.13 7.64
N MET A 31 7.98 18.95 7.48
CA MET A 31 8.30 17.81 8.34
C MET A 31 9.63 17.21 7.93
N SER A 32 10.38 16.74 8.93
CA SER A 32 11.57 15.93 8.68
C SER A 32 11.40 14.60 9.39
N VAL A 33 11.76 13.52 8.70
CA VAL A 33 11.80 12.19 9.28
C VAL A 33 13.25 11.81 9.55
N TYR A 34 13.57 11.59 10.82
CA TYR A 34 14.90 11.12 11.20
C TYR A 34 14.90 9.62 11.48
N ILE A 35 15.73 8.90 10.72
CA ILE A 35 15.91 7.48 10.95
C ILE A 35 17.36 7.17 11.35
N GLN A 36 17.52 6.62 12.55
CA GLN A 36 18.81 6.12 12.96
C GLN A 36 18.79 4.60 12.91
N GLY A 37 19.74 4.03 12.18
CA GLY A 37 19.86 2.60 12.10
C GLY A 37 21.26 2.12 11.82
N VAL A 38 21.38 0.82 11.61
CA VAL A 38 22.63 0.19 11.24
C VAL A 38 22.37 -0.72 10.05
N ALA A 39 23.12 -0.53 8.98
CA ALA A 39 22.99 -1.40 7.83
C ALA A 39 23.54 -2.79 8.21
N SER A 40 22.80 -3.85 7.86
CA SER A 40 23.22 -5.20 8.22
CA SER A 40 23.22 -5.20 8.22
C SER A 40 24.59 -5.53 7.64
N GLU A 41 25.37 -6.29 8.39
CA GLU A 41 26.63 -6.83 7.88
C GLU A 41 26.40 -7.60 6.60
N HIS A 42 25.20 -8.16 6.45
CA HIS A 42 24.88 -8.99 5.28
C HIS A 42 23.83 -8.31 4.40
N MET A 43 23.84 -6.98 4.36
CA MET A 43 22.78 -6.24 3.68
C MET A 43 22.70 -6.54 2.18
N LYS A 44 21.52 -6.96 1.73
CA LYS A 44 21.21 -6.97 0.30
C LYS A 44 20.41 -5.72 -0.06
N ARG A 45 19.24 -5.58 0.58
CA ARG A 45 18.38 -4.41 0.35
C ARG A 45 17.72 -4.00 1.65
N PHE A 46 17.29 -2.74 1.71
CA PHE A 46 16.20 -2.37 2.58
C PHE A 46 15.40 -1.26 1.89
N PHE A 47 14.20 -1.00 2.41
CA PHE A 47 13.40 0.07 1.84
C PHE A 47 12.76 0.90 2.94
N VAL A 48 12.50 2.16 2.61
CA VAL A 48 11.65 3.04 3.39
C VAL A 48 10.54 3.49 2.46
N ASN A 49 9.30 3.22 2.85
CA ASN A 49 8.14 3.61 2.05
C ASN A 49 7.31 4.64 2.78
N PHE A 50 6.92 5.69 2.06
CA PHE A 50 5.92 6.63 2.51
C PHE A 50 4.59 6.22 1.90
N VAL A 51 3.71 5.70 2.73
CA VAL A 51 2.56 4.90 2.28
C VAL A 51 1.25 5.62 2.49
N VAL A 52 0.34 5.44 1.52
CA VAL A 52 -1.00 6.02 1.55
C VAL A 52 -1.99 5.01 2.11
N GLY A 53 -2.22 5.11 3.41
CA GLY A 53 -3.15 4.22 4.09
C GLY A 53 -2.54 2.87 4.42
N GLN A 54 -3.40 1.94 4.81
CA GLN A 54 -2.98 0.64 5.26
C GLN A 54 -3.99 -0.38 4.74
N ASP A 55 -4.33 -0.29 3.46
CA ASP A 55 -5.23 -1.24 2.82
C ASP A 55 -4.43 -2.19 1.93
N PRO A 56 -5.01 -3.36 1.61
CA PRO A 56 -4.34 -4.20 0.64
C PRO A 56 -4.09 -3.41 -0.64
N GLY A 57 -2.87 -3.42 -1.12
CA GLY A 57 -2.52 -2.70 -2.34
C GLY A 57 -2.45 -1.19 -2.20
N SER A 58 -2.23 -0.71 -0.97
CA SER A 58 -2.05 0.72 -0.72
C SER A 58 -0.99 1.32 -1.63
N ASP A 59 -1.22 2.55 -2.07
CA ASP A 59 -0.24 3.29 -2.87
C ASP A 59 0.98 3.64 -2.02
N VAL A 60 2.13 3.73 -2.68
CA VAL A 60 3.36 4.18 -2.05
C VAL A 60 3.85 5.44 -2.76
N ALA A 61 3.68 6.58 -2.10
CA ALA A 61 4.07 7.86 -2.68
C ALA A 61 5.56 7.93 -2.96
N PHE A 62 6.36 7.31 -2.09
CA PHE A 62 7.81 7.34 -2.23
C PHE A 62 8.40 6.07 -1.64
N HIS A 63 9.04 5.30 -2.50
CA HIS A 63 9.78 4.09 -2.18
C HIS A 63 11.27 4.39 -2.34
N PHE A 64 12.01 4.23 -1.24
CA PHE A 64 13.44 4.50 -1.19
C PHE A 64 14.16 3.17 -0.93
N ASN A 65 14.92 2.69 -1.90
CA ASN A 65 15.38 1.29 -1.91
C ASN A 65 16.86 1.12 -2.24
N PRO A 66 17.75 1.23 -1.23
CA PRO A 66 19.17 0.90 -1.40
C PRO A 66 19.38 -0.59 -1.68
N ARG A 67 20.29 -0.87 -2.62
CA ARG A 67 20.51 -2.23 -3.11
C ARG A 67 21.99 -2.49 -3.33
N PHE A 68 22.47 -3.60 -2.78
CA PHE A 68 23.82 -4.06 -3.07
C PHE A 68 23.86 -5.07 -4.23
N ASP A 69 22.73 -5.62 -4.64
CA ASP A 69 22.75 -6.55 -5.76
C ASP A 69 23.13 -5.78 -7.04
N GLY A 70 24.08 -6.33 -7.77
CA GLY A 70 24.60 -5.66 -8.97
C GLY A 70 25.46 -4.48 -8.58
N TRP A 71 25.49 -3.47 -9.43
CA TRP A 71 26.13 -2.20 -9.10
C TRP A 71 25.43 -1.63 -7.86
N ASP A 72 26.20 -1.35 -6.82
CA ASP A 72 25.62 -0.79 -5.60
C ASP A 72 24.91 0.53 -5.96
N LYS A 73 23.66 0.65 -5.54
CA LYS A 73 22.83 1.73 -6.02
C LYS A 73 21.65 1.97 -5.10
N VAL A 74 20.93 3.06 -5.36
CA VAL A 74 19.66 3.31 -4.68
C VAL A 74 18.59 3.60 -5.70
N VAL A 75 17.44 2.96 -5.52
CA VAL A 75 16.33 3.06 -6.46
C VAL A 75 15.17 3.81 -5.80
N PHE A 76 14.49 4.63 -6.59
CA PHE A 76 13.44 5.50 -6.09
C PHE A 76 12.26 5.36 -7.02
N ASN A 77 11.07 5.24 -6.44
CA ASN A 77 9.87 5.06 -7.25
C ASN A 77 8.60 5.27 -6.44
N THR A 78 7.49 5.21 -7.16
CA THR A 78 6.16 5.39 -6.63
C THR A 78 5.35 4.22 -7.14
N LEU A 79 4.50 3.68 -6.27
CA LEU A 79 3.52 2.64 -6.59
C LEU A 79 2.12 3.26 -6.54
N GLN A 80 1.41 3.25 -7.67
CA GLN A 80 0.08 3.84 -7.74
C GLN A 80 -0.82 2.86 -8.48
N GLY A 81 -1.96 2.51 -7.86
CA GLY A 81 -2.84 1.47 -8.41
C GLY A 81 -2.16 0.13 -8.54
N GLY A 82 -1.19 -0.14 -7.67
CA GLY A 82 -0.48 -1.40 -7.72
C GLY A 82 0.53 -1.50 -8.85
N LYS A 83 0.78 -0.38 -9.55
CA LYS A 83 1.81 -0.35 -10.60
C LYS A 83 3.00 0.53 -10.18
N TRP A 84 4.21 0.05 -10.43
CA TRP A 84 5.38 0.90 -10.25
C TRP A 84 5.46 1.88 -11.41
N GLY A 85 5.86 3.12 -11.12
CA GLY A 85 6.09 4.10 -12.17
C GLY A 85 7.46 3.96 -12.81
N SER A 86 7.89 4.98 -13.55
CA SER A 86 9.24 5.03 -14.08
C SER A 86 10.20 5.15 -12.94
N GLU A 87 11.12 4.21 -12.88
CA GLU A 87 12.12 4.17 -11.84
C GLU A 87 13.14 5.31 -11.96
N GLU A 88 13.51 5.89 -10.83
CA GLU A 88 14.68 6.74 -10.77
C GLU A 88 15.79 5.96 -10.09
N ARG A 89 17.04 6.19 -10.49
CA ARG A 89 18.17 5.51 -9.87
C ARG A 89 19.32 6.47 -9.67
N LYS A 90 20.06 6.25 -8.59
CA LYS A 90 21.35 6.85 -8.40
C LYS A 90 22.35 5.73 -8.16
N ARG A 91 23.34 5.63 -9.04
CA ARG A 91 24.30 4.54 -9.01
C ARG A 91 25.39 4.86 -8.02
N SER A 92 25.00 5.08 -6.78
CA SER A 92 25.93 5.35 -5.70
C SER A 92 25.34 4.76 -4.41
N MET A 93 26.19 4.28 -3.52
CA MET A 93 25.70 3.66 -2.30
C MET A 93 26.26 4.40 -1.08
N PRO A 94 25.37 5.09 -0.33
CA PRO A 94 25.80 5.90 0.80
C PRO A 94 25.86 5.10 2.10
N PHE A 95 25.35 3.87 2.07
CA PHE A 95 25.37 3.02 3.24
C PHE A 95 26.56 2.08 3.19
N LYS A 96 26.86 1.48 4.33
CA LYS A 96 27.95 0.53 4.45
C LYS A 96 27.56 -0.63 5.37
N LYS A 97 27.75 -1.85 4.87
CA LYS A 97 27.46 -3.04 5.66
C LYS A 97 28.06 -2.95 7.06
N GLY A 98 27.21 -3.09 8.07
CA GLY A 98 27.64 -3.10 9.46
C GLY A 98 27.68 -1.72 10.09
N ALA A 99 27.59 -0.69 9.27
CA ALA A 99 27.81 0.69 9.74
C ALA A 99 26.52 1.38 10.12
N ALA A 100 26.61 2.19 11.18
CA ALA A 100 25.49 3.00 11.61
C ALA A 100 25.26 4.10 10.59
N PHE A 101 24.00 4.51 10.43
CA PHE A 101 23.73 5.62 9.53
C PHE A 101 22.66 6.51 10.13
N GLU A 102 22.63 7.74 9.65
CA GLU A 102 21.52 8.64 9.90
C GLU A 102 20.86 9.00 8.57
N LEU A 103 19.60 8.60 8.43
CA LEU A 103 18.84 8.84 7.21
C LEU A 103 17.76 9.86 7.51
N VAL A 104 17.77 10.96 6.76
CA VAL A 104 16.79 12.02 6.94
C VAL A 104 16.02 12.32 5.65
N PHE A 105 14.70 12.41 5.79
CA PHE A 105 13.84 12.81 4.71
C PHE A 105 13.24 14.16 5.08
N ILE A 106 13.62 15.21 4.34
CA ILE A 106 12.99 16.52 4.52
C ILE A 106 11.89 16.69 3.48
N VAL A 107 10.66 16.94 3.95
CA VAL A 107 9.53 17.08 3.05
C VAL A 107 9.35 18.53 2.63
N LEU A 108 9.63 18.80 1.36
CA LEU A 108 9.47 20.14 0.80
C LEU A 108 8.31 20.13 -0.19
N ALA A 109 7.82 21.29 -0.59
CA ALA A 109 6.72 21.34 -1.52
C ALA A 109 7.07 20.62 -2.82
N GLU A 110 8.31 20.73 -3.28
CA GLU A 110 8.68 20.16 -4.59
C GLU A 110 9.07 18.69 -4.56
N HIS A 111 9.65 18.26 -3.45
CA HIS A 111 10.26 16.94 -3.40
C HIS A 111 10.55 16.49 -1.98
N TYR A 112 10.84 15.20 -1.84
CA TYR A 112 11.47 14.68 -0.62
C TYR A 112 12.96 14.90 -0.80
N LYS A 113 13.58 15.59 0.14
CA LYS A 113 15.03 15.72 0.14
C LYS A 113 15.65 14.67 1.06
N VAL A 114 16.45 13.80 0.46
CA VAL A 114 17.05 12.69 1.17
C VAL A 114 18.50 13.07 1.54
N VAL A 115 18.81 12.94 2.83
CA VAL A 115 20.11 13.28 3.38
C VAL A 115 20.60 12.05 4.11
N VAL A 116 21.80 11.58 3.79
CA VAL A 116 22.37 10.41 4.47
C VAL A 116 23.69 10.80 5.12
N ASN A 117 23.76 10.65 6.44
CA ASN A 117 24.95 11.03 7.20
C ASN A 117 25.36 12.47 6.94
N GLY A 118 24.38 13.37 6.86
CA GLY A 118 24.66 14.79 6.67
C GLY A 118 24.87 15.20 5.22
N ASN A 119 25.07 14.23 4.33
CA ASN A 119 25.25 14.55 2.91
C ASN A 119 23.95 14.52 2.10
N PRO A 120 23.76 15.51 1.21
CA PRO A 120 22.57 15.45 0.38
C PRO A 120 22.71 14.30 -0.60
N PHE A 121 21.73 13.43 -0.68
CA PHE A 121 21.87 12.26 -1.51
C PHE A 121 20.94 12.30 -2.73
N TYR A 122 19.72 12.76 -2.53
CA TYR A 122 18.76 12.77 -3.62
C TYR A 122 17.60 13.69 -3.34
N GLU A 123 16.98 14.20 -4.40
CA GLU A 123 15.73 14.93 -4.29
C GLU A 123 14.66 14.24 -5.14
N TYR A 124 13.68 13.62 -4.49
CA TYR A 124 12.66 12.86 -5.20
C TYR A 124 11.40 13.71 -5.40
N GLY A 125 11.13 14.07 -6.65
CA GLY A 125 9.95 14.89 -6.96
C GLY A 125 8.63 14.19 -6.63
N HIS A 126 7.72 14.92 -6.00
CA HIS A 126 6.40 14.34 -5.65
C HIS A 126 5.63 13.89 -6.88
N ARG A 127 5.06 12.69 -6.80
CA ARG A 127 4.20 12.18 -7.86
C ARG A 127 2.76 12.07 -7.38
N LEU A 128 2.59 11.57 -6.15
CA LEU A 128 1.31 11.62 -5.45
C LEU A 128 1.35 12.80 -4.48
N PRO A 129 0.23 13.53 -4.36
CA PRO A 129 0.24 14.64 -3.43
C PRO A 129 0.65 14.17 -2.05
N LEU A 130 1.58 14.89 -1.44
CA LEU A 130 2.28 14.39 -0.26
C LEU A 130 1.32 14.28 0.93
N GLN A 131 0.25 15.06 0.95
CA GLN A 131 -0.74 15.00 2.05
C GLN A 131 -1.50 13.67 2.08
N MET A 132 -1.39 12.86 1.03
CA MET A 132 -2.04 11.56 1.02
C MET A 132 -1.34 10.54 1.93
N VAL A 133 -0.08 10.81 2.25
CA VAL A 133 0.73 9.83 2.99
C VAL A 133 0.34 9.80 4.46
N THR A 134 0.05 8.61 4.97
CA THR A 134 -0.37 8.44 6.36
C THR A 134 0.62 7.66 7.22
N HIS A 135 1.45 6.84 6.57
CA HIS A 135 2.29 5.85 7.25
C HIS A 135 3.71 5.83 6.72
N LEU A 136 4.63 5.50 7.61
CA LEU A 136 6.00 5.18 7.24
C LEU A 136 6.22 3.70 7.46
N GLN A 137 6.79 3.04 6.45
CA GLN A 137 7.02 1.62 6.49
C GLN A 137 8.49 1.37 6.20
N VAL A 138 9.14 0.55 7.00
CA VAL A 138 10.56 0.27 6.83
C VAL A 138 10.77 -1.22 7.01
N ASP A 139 11.52 -1.84 6.10
CA ASP A 139 11.84 -3.25 6.24
C ASP A 139 13.08 -3.61 5.46
N GLY A 140 13.63 -4.77 5.76
CA GLY A 140 14.78 -5.27 5.02
C GLY A 140 15.97 -5.52 5.91
N ASP A 141 17.16 -5.43 5.34
CA ASP A 141 18.38 -5.87 6.02
C ASP A 141 19.05 -4.73 6.78
N LEU A 142 18.42 -4.31 7.88
CA LEU A 142 18.97 -3.28 8.74
C LEU A 142 18.45 -3.49 10.15
N GLN A 143 19.10 -2.83 11.10
N GLN A 143 19.10 -2.84 11.11
CA GLN A 143 18.57 -2.70 12.45
CA GLN A 143 18.54 -2.71 12.45
C GLN A 143 18.12 -1.25 12.67
C GLN A 143 18.12 -1.26 12.69
N LEU A 144 16.93 -1.09 13.26
CA LEU A 144 16.38 0.23 13.51
C LEU A 144 16.65 0.65 14.95
N GLN A 145 17.27 1.83 15.14
CA GLN A 145 17.50 2.35 16.49
CA GLN A 145 17.50 2.36 16.49
C GLN A 145 16.40 3.32 16.88
N SER A 146 16.06 4.25 16.00
CA SER A 146 14.98 5.18 16.29
C SER A 146 14.46 5.84 15.02
N ILE A 147 13.22 6.28 15.12
CA ILE A 147 12.57 7.05 14.08
C ILE A 147 11.84 8.18 14.78
N ASN A 148 12.11 9.40 14.36
CA ASN A 148 11.45 10.57 14.93
C ASN A 148 10.92 11.44 13.82
N PHE A 149 9.74 11.99 14.05
CA PHE A 149 9.12 12.93 13.13
C PHE A 149 9.18 14.33 13.72
N ILE A 150 9.74 15.26 12.95
CA ILE A 150 9.94 16.63 13.41
C ILE A 150 9.24 17.61 12.49
N GLY A 151 8.41 18.47 13.07
CA GLY A 151 7.89 19.63 12.35
C GLY A 151 6.53 19.40 11.75
N PRO B 15 -16.73 -7.67 -9.30
CA PRO B 15 -15.80 -6.90 -8.49
C PRO B 15 -14.86 -6.06 -9.34
N THR B 16 -14.41 -4.94 -8.79
CA THR B 16 -13.61 -3.99 -9.55
C THR B 16 -12.11 -4.24 -9.45
N LEU B 17 -11.36 -3.52 -10.27
CA LEU B 17 -9.92 -3.65 -10.33
C LEU B 17 -9.23 -2.39 -9.82
N PRO B 18 -8.04 -2.55 -9.21
CA PRO B 18 -7.43 -3.85 -8.96
C PRO B 18 -8.15 -4.59 -7.84
N TYR B 19 -8.08 -5.93 -7.89
CA TYR B 19 -8.69 -6.79 -6.91
C TYR B 19 -7.58 -7.30 -6.00
N TYR B 20 -7.77 -7.19 -4.69
CA TYR B 20 -6.74 -7.57 -3.74
C TYR B 20 -7.45 -7.92 -2.44
N GLN B 21 -7.67 -9.21 -2.25
CA GLN B 21 -8.59 -9.72 -1.24
C GLN B 21 -7.98 -10.91 -0.52
N PRO B 22 -8.37 -11.11 0.75
CA PRO B 22 -7.90 -12.28 1.48
C PRO B 22 -8.44 -13.60 0.94
N ILE B 23 -7.57 -14.61 0.86
CA ILE B 23 -7.99 -15.99 0.67
C ILE B 23 -8.42 -16.50 2.05
N PRO B 24 -9.72 -16.76 2.23
CA PRO B 24 -10.22 -17.08 3.57
C PRO B 24 -9.47 -18.25 4.20
N GLY B 25 -8.78 -17.96 5.30
CA GLY B 25 -8.06 -18.99 6.07
C GLY B 25 -6.62 -19.14 5.62
N GLY B 26 -6.28 -18.52 4.48
CA GLY B 26 -4.97 -18.66 3.87
C GLY B 26 -4.97 -19.80 2.87
N LEU B 27 -3.99 -19.82 1.97
CA LEU B 27 -3.90 -20.90 1.00
C LEU B 27 -3.52 -22.24 1.67
N ASN B 28 -4.13 -23.32 1.20
CA ASN B 28 -3.75 -24.66 1.64
C ASN B 28 -3.79 -25.70 0.51
N VAL B 29 -3.00 -26.77 0.67
CA VAL B 29 -2.98 -27.88 -0.27
C VAL B 29 -4.40 -28.32 -0.46
N GLY B 30 -4.78 -28.55 -1.72
CA GLY B 30 -6.13 -29.02 -2.05
C GLY B 30 -7.12 -27.92 -2.46
N MET B 31 -6.80 -26.67 -2.15
CA MET B 31 -7.68 -25.57 -2.51
C MET B 31 -7.60 -25.29 -4.00
N SER B 32 -8.65 -24.68 -4.54
CA SER B 32 -8.62 -24.19 -5.90
C SER B 32 -9.10 -22.75 -5.92
N VAL B 33 -8.63 -21.99 -6.91
CA VAL B 33 -9.12 -20.65 -7.15
C VAL B 33 -9.76 -20.64 -8.52
N TYR B 34 -10.97 -20.09 -8.59
CA TYR B 34 -11.76 -20.12 -9.81
C TYR B 34 -12.13 -18.69 -10.23
N ILE B 35 -11.60 -18.25 -11.36
CA ILE B 35 -11.79 -16.90 -11.85
C ILE B 35 -12.57 -16.90 -13.17
N GLN B 36 -13.58 -16.05 -13.23
CA GLN B 36 -14.37 -15.86 -14.42
C GLN B 36 -14.22 -14.42 -14.85
N GLY B 37 -13.83 -14.22 -16.09
CA GLY B 37 -13.62 -12.87 -16.56
C GLY B 37 -13.69 -12.82 -18.06
N VAL B 38 -13.52 -11.63 -18.61
CA VAL B 38 -13.41 -11.48 -20.04
C VAL B 38 -12.20 -10.60 -20.35
N ALA B 39 -11.33 -11.11 -21.23
CA ALA B 39 -10.17 -10.36 -21.64
C ALA B 39 -10.62 -9.09 -22.37
N SER B 40 -9.82 -8.04 -22.27
CA SER B 40 -10.17 -6.79 -22.92
C SER B 40 -10.02 -6.92 -24.42
N GLU B 41 -10.84 -6.17 -25.15
CA GLU B 41 -10.75 -6.14 -26.60
CA GLU B 41 -10.77 -6.09 -26.60
C GLU B 41 -9.34 -5.79 -27.05
N HIS B 42 -8.67 -4.94 -26.28
CA HIS B 42 -7.28 -4.58 -26.59
C HIS B 42 -6.37 -4.89 -25.42
N MET B 43 -6.43 -6.13 -24.97
CA MET B 43 -5.62 -6.54 -23.84
C MET B 43 -4.15 -6.55 -24.21
N LYS B 44 -3.33 -5.97 -23.34
CA LYS B 44 -1.88 -6.14 -23.40
C LYS B 44 -1.45 -7.20 -22.40
N ARG B 45 -1.88 -7.02 -21.15
CA ARG B 45 -1.51 -7.92 -20.07
C ARG B 45 -2.57 -7.93 -19.00
N PHE B 46 -2.62 -9.02 -18.24
CA PHE B 46 -3.15 -8.99 -16.90
C PHE B 46 -2.37 -9.99 -16.06
N PHE B 47 -2.62 -10.00 -14.76
CA PHE B 47 -1.90 -10.90 -13.87
C PHE B 47 -2.78 -11.32 -12.71
N VAL B 48 -2.43 -12.48 -12.18
CA VAL B 48 -2.97 -13.01 -10.94
C VAL B 48 -1.78 -13.31 -10.03
N ASN B 49 -1.78 -12.69 -8.86
CA ASN B 49 -0.75 -12.92 -7.86
C ASN B 49 -1.29 -13.62 -6.61
N PHE B 50 -0.56 -14.64 -6.17
CA PHE B 50 -0.77 -15.25 -4.87
C PHE B 50 0.23 -14.61 -3.92
N VAL B 51 -0.27 -13.74 -3.04
CA VAL B 51 0.59 -12.81 -2.30
C VAL B 51 0.70 -13.22 -0.84
N VAL B 52 1.91 -13.04 -0.31
CA VAL B 52 2.19 -13.30 1.09
C VAL B 52 2.02 -12.01 1.87
N GLY B 53 0.79 -11.74 2.28
CA GLY B 53 0.47 -10.56 3.05
C GLY B 53 -0.24 -9.51 2.21
N GLN B 54 -0.58 -8.41 2.87
CA GLN B 54 -1.34 -7.35 2.20
C GLN B 54 -0.58 -6.04 2.19
N ASP B 55 0.63 -6.04 2.76
CA ASP B 55 1.39 -4.80 2.92
C ASP B 55 2.28 -4.53 1.71
N PRO B 56 2.60 -3.25 1.46
CA PRO B 56 3.48 -2.95 0.34
C PRO B 56 4.77 -3.76 0.44
N GLY B 57 5.29 -4.19 -0.70
CA GLY B 57 6.54 -4.94 -0.73
C GLY B 57 6.38 -6.44 -0.46
N SER B 58 5.14 -6.89 -0.30
CA SER B 58 4.90 -8.30 0.00
C SER B 58 5.48 -9.25 -1.04
N ASP B 59 6.03 -10.37 -0.58
CA ASP B 59 6.45 -11.44 -1.47
C ASP B 59 5.25 -11.95 -2.26
N VAL B 60 5.50 -12.35 -3.50
CA VAL B 60 4.50 -13.01 -4.33
C VAL B 60 4.94 -14.45 -4.61
N ALA B 61 4.22 -15.42 -4.03
CA ALA B 61 4.55 -16.82 -4.23
C ALA B 61 4.42 -17.23 -5.70
N PHE B 62 3.42 -16.68 -6.39
CA PHE B 62 3.14 -17.08 -7.77
C PHE B 62 2.48 -15.93 -8.51
N HIS B 63 3.16 -15.47 -9.54
CA HIS B 63 2.70 -14.41 -10.42
C HIS B 63 2.41 -15.07 -11.76
N PHE B 64 1.15 -14.95 -12.19
CA PHE B 64 0.67 -15.56 -13.43
C PHE B 64 0.32 -14.41 -14.36
N ASN B 65 1.02 -14.29 -15.49
CA ASN B 65 1.02 -13.03 -16.24
C ASN B 65 0.95 -13.27 -17.75
N PRO B 66 -0.27 -13.42 -18.30
CA PRO B 66 -0.44 -13.54 -19.75
C PRO B 66 -0.13 -12.23 -20.45
N ARG B 67 0.66 -12.30 -21.52
CA ARG B 67 1.09 -11.10 -22.25
C ARG B 67 0.82 -11.23 -23.75
N PHE B 68 0.20 -10.19 -24.32
CA PHE B 68 0.03 -10.06 -25.77
C PHE B 68 1.10 -9.15 -26.40
N ASP B 69 1.58 -8.15 -25.67
CA ASP B 69 2.59 -7.26 -26.21
C ASP B 69 3.78 -8.08 -26.69
N GLY B 70 4.02 -8.06 -28.00
CA GLY B 70 4.98 -8.95 -28.63
C GLY B 70 4.42 -10.34 -28.90
N TRP B 71 5.30 -11.32 -28.76
CA TRP B 71 4.97 -12.73 -28.94
C TRP B 71 4.09 -13.18 -27.78
N ASP B 72 2.84 -13.54 -28.09
CA ASP B 72 1.87 -13.93 -27.08
C ASP B 72 2.43 -15.05 -26.20
N LYS B 73 2.41 -14.82 -24.89
CA LYS B 73 2.92 -15.83 -23.97
C LYS B 73 2.32 -15.64 -22.59
N VAL B 74 2.58 -16.61 -21.73
CA VAL B 74 2.32 -16.44 -20.30
C VAL B 74 3.63 -16.55 -19.53
N VAL B 75 3.86 -15.56 -18.69
CA VAL B 75 5.04 -15.55 -17.83
C VAL B 75 4.62 -15.96 -16.43
N PHE B 76 5.45 -16.79 -15.80
CA PHE B 76 5.24 -17.26 -14.44
C PHE B 76 6.50 -16.95 -13.62
N ASN B 77 6.33 -16.34 -12.46
CA ASN B 77 7.47 -16.02 -11.62
C ASN B 77 7.09 -15.90 -10.13
N THR B 78 8.11 -15.64 -9.33
CA THR B 78 7.98 -15.49 -7.89
C THR B 78 8.77 -14.23 -7.49
N LEU B 79 8.24 -13.46 -6.53
CA LEU B 79 8.92 -12.28 -6.02
C LEU B 79 9.27 -12.53 -4.56
N GLN B 80 10.55 -12.51 -4.26
CA GLN B 80 11.02 -12.67 -2.89
C GLN B 80 11.97 -11.55 -2.54
N GLY B 81 11.65 -10.84 -1.45
CA GLY B 81 12.47 -9.74 -0.99
C GLY B 81 12.65 -8.66 -2.03
N GLY B 82 11.63 -8.44 -2.86
CA GLY B 82 11.68 -7.39 -3.88
C GLY B 82 12.37 -7.81 -5.18
N LYS B 83 12.85 -9.04 -5.23
CA LYS B 83 13.55 -9.54 -6.41
C LYS B 83 12.73 -10.61 -7.10
N TRP B 84 12.47 -10.38 -8.38
CA TRP B 84 11.83 -11.39 -9.23
C TRP B 84 12.83 -12.52 -9.46
N GLY B 85 12.34 -13.75 -9.48
CA GLY B 85 13.17 -14.91 -9.77
C GLY B 85 13.37 -15.11 -11.25
N SER B 86 13.81 -16.30 -11.63
CA SER B 86 13.94 -16.68 -13.02
CA SER B 86 13.94 -16.65 -13.03
C SER B 86 12.57 -16.97 -13.60
N GLU B 87 12.23 -16.30 -14.68
CA GLU B 87 10.92 -16.47 -15.29
C GLU B 87 10.79 -17.85 -15.88
N GLU B 88 9.62 -18.47 -15.67
CA GLU B 88 9.19 -19.55 -16.54
C GLU B 88 8.24 -18.95 -17.55
N ARG B 89 8.24 -19.47 -18.77
CA ARG B 89 7.42 -18.92 -19.83
C ARG B 89 6.79 -20.08 -20.59
N LYS B 90 5.54 -19.91 -20.99
CA LYS B 90 4.94 -20.82 -21.95
C LYS B 90 4.51 -19.99 -23.13
N ARG B 91 5.07 -20.28 -24.30
CA ARG B 91 4.81 -19.46 -25.48
C ARG B 91 3.53 -19.96 -26.12
N SER B 92 2.43 -19.76 -25.42
CA SER B 92 1.13 -20.20 -25.89
C SER B 92 0.06 -19.43 -25.13
N MET B 93 -0.88 -18.85 -25.85
CA MET B 93 -1.83 -17.91 -25.27
C MET B 93 -3.25 -18.49 -25.25
N PRO B 94 -3.73 -18.93 -24.07
CA PRO B 94 -5.05 -19.56 -23.97
C PRO B 94 -6.18 -18.57 -23.85
N PHE B 95 -5.85 -17.29 -23.77
CA PHE B 95 -6.84 -16.25 -23.74
C PHE B 95 -6.98 -15.63 -25.12
N LYS B 96 -8.02 -14.82 -25.28
CA LYS B 96 -8.34 -14.25 -26.55
C LYS B 96 -9.00 -12.91 -26.31
N LYS B 97 -8.48 -11.88 -26.97
CA LYS B 97 -8.99 -10.52 -26.77
C LYS B 97 -10.49 -10.50 -26.99
N GLY B 98 -11.21 -9.90 -26.06
CA GLY B 98 -12.65 -9.76 -26.16
C GLY B 98 -13.41 -10.89 -25.50
N ALA B 99 -12.77 -12.05 -25.36
CA ALA B 99 -13.48 -13.28 -25.04
C ALA B 99 -13.52 -13.61 -23.55
N ALA B 100 -14.65 -14.13 -23.11
CA ALA B 100 -14.78 -14.62 -21.75
C ALA B 100 -13.87 -15.82 -21.54
N PHE B 101 -13.47 -16.04 -20.30
CA PHE B 101 -12.61 -17.16 -19.96
C PHE B 101 -12.94 -17.67 -18.57
N GLU B 102 -12.55 -18.91 -18.30
CA GLU B 102 -12.54 -19.44 -16.96
C GLU B 102 -11.12 -19.84 -16.65
N LEU B 103 -10.60 -19.33 -15.54
CA LEU B 103 -9.21 -19.54 -15.16
C LEU B 103 -9.21 -20.22 -13.81
N VAL B 104 -8.62 -21.40 -13.74
CA VAL B 104 -8.63 -22.18 -12.54
C VAL B 104 -7.22 -22.54 -12.10
N PHE B 105 -6.95 -22.37 -10.81
CA PHE B 105 -5.69 -22.79 -10.22
C PHE B 105 -6.01 -23.87 -9.19
N ILE B 106 -5.55 -25.08 -9.45
CA ILE B 106 -5.69 -26.18 -8.51
C ILE B 106 -4.38 -26.30 -7.76
N VAL B 107 -4.42 -26.05 -6.46
CA VAL B 107 -3.21 -26.00 -5.64
C VAL B 107 -2.89 -27.37 -5.05
N LEU B 108 -1.86 -27.99 -5.62
CA LEU B 108 -1.42 -29.29 -5.15
C LEU B 108 -0.13 -29.15 -4.37
N ALA B 109 0.25 -30.24 -3.69
CA ALA B 109 1.45 -30.25 -2.89
C ALA B 109 2.65 -29.81 -3.72
N GLU B 110 2.72 -30.29 -4.95
CA GLU B 110 3.91 -30.11 -5.79
C GLU B 110 3.91 -28.77 -6.55
N HIS B 111 2.72 -28.30 -6.92
CA HIS B 111 2.61 -27.18 -7.84
C HIS B 111 1.21 -26.58 -7.89
N TYR B 112 1.12 -25.39 -8.44
CA TYR B 112 -0.16 -24.86 -8.92
C TYR B 112 -0.44 -25.45 -10.30
N LYS B 113 -1.55 -26.16 -10.43
CA LYS B 113 -1.97 -26.67 -11.73
C LYS B 113 -2.89 -25.63 -12.36
N VAL B 114 -2.44 -25.01 -13.44
CA VAL B 114 -3.25 -23.98 -14.10
C VAL B 114 -4.10 -24.59 -15.21
N VAL B 115 -5.39 -24.33 -15.15
CA VAL B 115 -6.34 -24.86 -16.14
C VAL B 115 -7.14 -23.70 -16.72
N VAL B 116 -7.10 -23.55 -18.04
CA VAL B 116 -7.76 -22.42 -18.71
C VAL B 116 -8.83 -22.97 -19.64
N ASN B 117 -10.07 -22.55 -19.41
CA ASN B 117 -11.21 -22.99 -20.17
C ASN B 117 -11.25 -24.52 -20.25
N GLY B 118 -10.91 -25.18 -19.15
CA GLY B 118 -11.04 -26.63 -19.04
C GLY B 118 -9.81 -27.39 -19.48
N ASN B 119 -8.87 -26.68 -20.11
CA ASN B 119 -7.65 -27.28 -20.64
C ASN B 119 -6.46 -27.08 -19.70
N PRO B 120 -5.87 -28.18 -19.19
CA PRO B 120 -4.66 -28.01 -18.39
C PRO B 120 -3.61 -27.24 -19.18
N PHE B 121 -2.98 -26.26 -18.53
CA PHE B 121 -2.16 -25.31 -19.26
C PHE B 121 -0.73 -25.27 -18.76
N TYR B 122 -0.54 -25.33 -17.44
CA TYR B 122 0.81 -25.30 -16.88
C TYR B 122 0.81 -25.81 -15.45
N GLU B 123 1.97 -26.31 -15.01
CA GLU B 123 2.19 -26.65 -13.61
C GLU B 123 3.36 -25.86 -13.03
N TYR B 124 3.06 -24.94 -12.12
CA TYR B 124 4.09 -24.05 -11.57
C TYR B 124 4.55 -24.58 -10.23
N GLY B 125 5.77 -25.08 -10.18
CA GLY B 125 6.29 -25.67 -8.95
C GLY B 125 6.47 -24.62 -7.87
N HIS B 126 6.17 -24.98 -6.63
CA HIS B 126 6.25 -24.02 -5.54
C HIS B 126 7.67 -23.60 -5.28
N ARG B 127 7.86 -22.29 -5.07
CA ARG B 127 9.17 -21.75 -4.69
C ARG B 127 9.12 -21.22 -3.27
N LEU B 128 8.01 -20.56 -2.90
CA LEU B 128 7.69 -20.22 -1.53
C LEU B 128 6.64 -21.17 -0.98
N PRO B 129 6.79 -21.59 0.28
CA PRO B 129 5.77 -22.47 0.85
C PRO B 129 4.37 -21.88 0.67
N LEU B 130 3.46 -22.68 0.11
CA LEU B 130 2.20 -22.15 -0.37
C LEU B 130 1.37 -21.60 0.78
N GLN B 131 1.59 -22.13 1.98
CA GLN B 131 0.81 -21.71 3.15
C GLN B 131 1.11 -20.30 3.60
N MET B 132 2.16 -19.71 3.08
CA MET B 132 2.49 -18.32 3.37
C MET B 132 1.51 -17.37 2.65
N VAL B 133 0.86 -17.86 1.60
CA VAL B 133 -0.04 -17.03 0.80
C VAL B 133 -1.33 -16.72 1.54
N THR B 134 -1.67 -15.44 1.61
CA THR B 134 -2.84 -14.97 2.33
C THR B 134 -3.85 -14.24 1.46
N HIS B 135 -3.40 -13.74 0.32
CA HIS B 135 -4.20 -12.82 -0.50
C HIS B 135 -4.11 -13.15 -1.98
N LEU B 136 -5.15 -12.78 -2.71
CA LEU B 136 -5.11 -12.86 -4.16
C LEU B 136 -5.22 -11.46 -4.71
N GLN B 137 -4.33 -11.14 -5.63
CA GLN B 137 -4.32 -9.84 -6.27
C GLN B 137 -4.45 -10.03 -7.77
N VAL B 138 -5.42 -9.32 -8.37
CA VAL B 138 -5.69 -9.42 -9.80
C VAL B 138 -5.87 -8.01 -10.39
N ASP B 139 -5.16 -7.73 -11.48
CA ASP B 139 -5.29 -6.45 -12.16
C ASP B 139 -4.88 -6.61 -13.61
N GLY B 140 -5.26 -5.65 -14.45
CA GLY B 140 -4.83 -5.65 -15.83
C GLY B 140 -5.97 -5.44 -16.82
N ASP B 141 -5.71 -5.77 -18.08
CA ASP B 141 -6.64 -5.50 -19.18
C ASP B 141 -7.69 -6.60 -19.28
N LEU B 142 -8.62 -6.59 -18.33
CA LEU B 142 -9.70 -7.58 -18.28
C LEU B 142 -10.85 -7.04 -17.45
N GLN B 143 -12.04 -7.61 -17.67
CA GLN B 143 -13.17 -7.37 -16.78
CA GLN B 143 -13.18 -7.37 -16.79
C GLN B 143 -13.41 -8.62 -15.95
N LEU B 144 -13.63 -8.43 -14.66
CA LEU B 144 -13.73 -9.51 -13.72
C LEU B 144 -15.19 -9.80 -13.36
N GLN B 145 -15.64 -11.02 -13.61
CA GLN B 145 -16.99 -11.42 -13.22
C GLN B 145 -17.05 -12.01 -11.84
N SER B 146 -16.15 -12.95 -11.53
CA SER B 146 -16.19 -13.62 -10.23
C SER B 146 -14.85 -14.23 -9.89
N ILE B 147 -14.57 -14.25 -8.58
CA ILE B 147 -13.43 -14.98 -8.06
C ILE B 147 -13.89 -15.81 -6.88
N ASN B 148 -13.69 -17.11 -6.93
CA ASN B 148 -14.13 -17.99 -5.87
C ASN B 148 -13.01 -18.87 -5.38
N PHE B 149 -13.00 -19.11 -4.07
CA PHE B 149 -12.01 -19.98 -3.46
C PHE B 149 -12.70 -21.27 -3.03
N ILE B 150 -12.14 -22.39 -3.46
CA ILE B 150 -12.77 -23.69 -3.26
C ILE B 150 -11.88 -24.60 -2.43
N GLY B 151 -12.50 -25.47 -1.63
CA GLY B 151 -11.81 -26.60 -1.02
C GLY B 151 -10.89 -26.14 0.09
N PRO C 15 -19.24 13.09 -11.20
CA PRO C 15 -19.82 14.36 -11.61
C PRO C 15 -20.07 14.42 -13.10
N THR C 16 -20.97 15.31 -13.53
CA THR C 16 -21.32 15.40 -14.93
C THR C 16 -20.51 16.51 -15.61
N LEU C 17 -20.36 16.36 -16.93
CA LEU C 17 -19.75 17.39 -17.76
C LEU C 17 -20.83 18.21 -18.43
N PRO C 18 -20.52 19.46 -18.78
CA PRO C 18 -19.27 20.11 -18.41
C PRO C 18 -19.17 20.35 -16.91
N TYR C 19 -17.96 20.27 -16.38
CA TYR C 19 -17.69 20.54 -14.99
C TYR C 19 -17.04 21.92 -14.91
N TYR C 20 -17.56 22.78 -14.05
CA TYR C 20 -17.05 24.13 -13.91
C TYR C 20 -17.43 24.55 -12.50
N GLN C 21 -16.48 24.41 -11.58
CA GLN C 21 -16.76 24.53 -10.14
C GLN C 21 -15.66 25.32 -9.47
N PRO C 22 -16.01 26.02 -8.38
CA PRO C 22 -15.00 26.74 -7.60
C PRO C 22 -13.99 25.81 -6.94
N ILE C 23 -12.74 26.26 -6.91
CA ILE C 23 -11.71 25.63 -6.11
C ILE C 23 -11.78 26.28 -4.72
N PRO C 24 -12.15 25.49 -3.70
CA PRO C 24 -12.42 26.07 -2.38
C PRO C 24 -11.23 26.86 -1.84
N GLY C 25 -11.47 28.12 -1.49
CA GLY C 25 -10.42 28.99 -0.99
C GLY C 25 -9.70 29.71 -2.13
N GLY C 26 -9.90 29.23 -3.34
CA GLY C 26 -9.08 29.67 -4.46
C GLY C 26 -7.85 28.80 -4.55
N LEU C 27 -7.12 28.93 -5.65
CA LEU C 27 -5.90 28.19 -5.83
C LEU C 27 -4.78 28.77 -4.98
N ASN C 28 -3.94 27.90 -4.43
CA ASN C 28 -2.81 28.29 -3.59
C ASN C 28 -1.67 27.32 -3.75
N VAL C 29 -0.45 27.80 -3.55
CA VAL C 29 0.75 26.97 -3.65
C VAL C 29 0.61 25.88 -2.62
N GLY C 30 1.08 24.68 -2.94
CA GLY C 30 0.90 23.53 -2.05
C GLY C 30 -0.33 22.69 -2.34
N MET C 31 -1.30 23.25 -3.06
CA MET C 31 -2.51 22.53 -3.41
C MET C 31 -2.22 21.52 -4.50
N SER C 32 -2.98 20.44 -4.51
CA SER C 32 -3.01 19.54 -5.65
C SER C 32 -4.45 19.33 -6.08
N VAL C 33 -4.63 19.11 -7.38
CA VAL C 33 -5.92 18.75 -7.94
C VAL C 33 -5.77 17.32 -8.46
N TYR C 34 -6.71 16.47 -8.08
CA TYR C 34 -6.64 15.04 -8.37
C TYR C 34 -7.90 14.66 -9.12
N ILE C 35 -7.74 14.25 -10.37
CA ILE C 35 -8.87 13.94 -11.24
C ILE C 35 -8.81 12.46 -11.62
N GLN C 36 -9.90 11.75 -11.40
CA GLN C 36 -10.05 10.40 -11.88
C GLN C 36 -11.18 10.35 -12.88
N GLY C 37 -10.90 9.75 -14.03
CA GLY C 37 -11.86 9.67 -15.11
C GLY C 37 -11.54 8.52 -16.04
N VAL C 38 -12.39 8.37 -17.06
CA VAL C 38 -12.19 7.37 -18.09
C VAL C 38 -12.28 8.07 -19.42
N ALA C 39 -11.21 8.02 -20.21
CA ALA C 39 -11.21 8.59 -21.55
C ALA C 39 -12.20 7.84 -22.44
N SER C 40 -13.03 8.57 -23.17
CA SER C 40 -13.99 7.94 -24.07
C SER C 40 -13.27 7.00 -25.04
N GLU C 41 -13.92 5.90 -25.37
CA GLU C 41 -13.44 5.02 -26.42
C GLU C 41 -13.35 5.80 -27.74
N HIS C 42 -14.13 6.86 -27.85
CA HIS C 42 -14.17 7.67 -29.06
C HIS C 42 -13.52 9.05 -28.89
N MET C 43 -12.54 9.16 -27.99
CA MET C 43 -12.04 10.49 -27.59
C MET C 43 -11.23 11.15 -28.70
N LYS C 44 -11.56 12.41 -28.99
CA LYS C 44 -10.71 13.28 -29.81
C LYS C 44 -9.92 14.25 -28.93
N ARG C 45 -10.62 14.99 -28.06
CA ARG C 45 -9.98 15.90 -27.11
C ARG C 45 -10.77 16.00 -25.79
N PHE C 46 -10.05 16.34 -24.74
CA PHE C 46 -10.65 16.95 -23.57
C PHE C 46 -9.72 18.04 -23.08
N PHE C 47 -10.21 18.86 -22.17
CA PHE C 47 -9.35 19.86 -21.59
C PHE C 47 -9.67 20.06 -20.11
N VAL C 48 -8.67 20.53 -19.38
CA VAL C 48 -8.81 20.96 -17.99
C VAL C 48 -8.29 22.39 -17.98
N ASN C 49 -9.13 23.31 -17.52
CA ASN C 49 -8.78 24.71 -17.44
C ASN C 49 -8.75 25.17 -15.98
N PHE C 50 -7.69 25.85 -15.58
CA PHE C 50 -7.67 26.62 -14.35
C PHE C 50 -8.07 28.05 -14.68
N VAL C 51 -9.25 28.46 -14.20
CA VAL C 51 -9.95 29.61 -14.72
C VAL C 51 -10.00 30.74 -13.69
N VAL C 52 -9.82 31.97 -14.18
CA VAL C 52 -9.88 33.18 -13.37
C VAL C 52 -11.31 33.71 -13.43
N GLY C 53 -12.11 33.27 -12.49
CA GLY C 53 -13.49 33.71 -12.40
C GLY C 53 -14.47 32.88 -13.20
N GLN C 54 -15.69 33.39 -13.29
CA GLN C 54 -16.78 32.66 -13.89
C GLN C 54 -17.60 33.57 -14.80
N ASP C 55 -17.12 34.78 -15.03
CA ASP C 55 -17.76 35.68 -15.97
C ASP C 55 -17.50 35.21 -17.41
N PRO C 56 -18.42 35.52 -18.32
CA PRO C 56 -18.10 35.32 -19.74
C PRO C 56 -16.79 36.00 -20.11
N GLY C 57 -15.91 35.28 -20.80
CA GLY C 57 -14.64 35.86 -21.23
C GLY C 57 -13.51 35.73 -20.22
N SER C 58 -13.75 35.00 -19.13
CA SER C 58 -12.72 34.78 -18.09
C SER C 58 -11.39 34.32 -18.68
N ASP C 59 -10.29 34.86 -18.13
CA ASP C 59 -8.95 34.33 -18.45
C ASP C 59 -8.77 32.89 -18.00
N VAL C 60 -7.94 32.15 -18.71
CA VAL C 60 -7.60 30.80 -18.31
C VAL C 60 -6.11 30.79 -17.99
N ALA C 61 -5.77 30.68 -16.71
CA ALA C 61 -4.36 30.68 -16.30
C ALA C 61 -3.58 29.50 -16.89
N PHE C 62 -4.23 28.35 -16.96
CA PHE C 62 -3.59 27.12 -17.44
C PHE C 62 -4.62 26.24 -18.11
N HIS C 63 -4.38 26.02 -19.41
CA HIS C 63 -5.18 25.19 -20.28
C HIS C 63 -4.38 23.93 -20.60
N PHE C 64 -4.95 22.77 -20.26
CA PHE C 64 -4.32 21.46 -20.41
C PHE C 64 -5.16 20.63 -21.37
N ASN C 65 -4.63 20.33 -22.55
CA ASN C 65 -5.43 19.88 -23.67
C ASN C 65 -4.83 18.66 -24.40
N PRO C 66 -5.16 17.44 -23.95
CA PRO C 66 -4.75 16.25 -24.72
C PRO C 66 -5.52 16.15 -26.04
N ARG C 67 -4.84 15.75 -27.12
CA ARG C 67 -5.40 15.71 -28.45
C ARG C 67 -4.98 14.44 -29.18
N PHE C 68 -5.95 13.71 -29.71
CA PHE C 68 -5.69 12.53 -30.54
C PHE C 68 -5.73 12.86 -32.01
N ASP C 69 -6.37 13.97 -32.36
CA ASP C 69 -6.44 14.38 -33.75
C ASP C 69 -5.03 14.67 -34.28
N GLY C 70 -4.59 13.85 -35.23
CA GLY C 70 -3.21 13.98 -35.70
C GLY C 70 -2.23 13.17 -34.86
N TRP C 71 -1.01 13.66 -34.78
CA TRP C 71 0.00 13.09 -33.91
C TRP C 71 -0.36 13.32 -32.44
N ASP C 72 -0.77 12.25 -31.77
CA ASP C 72 -1.21 12.34 -30.36
C ASP C 72 -0.24 13.18 -29.53
N LYS C 73 -0.77 14.21 -28.86
CA LYS C 73 0.07 15.10 -28.06
C LYS C 73 -0.78 15.77 -26.99
N VAL C 74 -0.10 16.50 -26.11
CA VAL C 74 -0.80 17.35 -25.15
C VAL C 74 -0.31 18.77 -25.35
N VAL C 75 -1.25 19.70 -25.34
CA VAL C 75 -0.95 21.10 -25.55
C VAL C 75 -1.21 21.87 -24.25
N PHE C 76 -0.36 22.85 -23.98
CA PHE C 76 -0.46 23.66 -22.77
C PHE C 76 -0.43 25.14 -23.15
N ASN C 77 -1.34 25.93 -22.58
CA ASN C 77 -1.34 27.35 -22.87
C ASN C 77 -2.09 28.14 -21.82
N THR C 78 -2.08 29.45 -22.03
CA THR C 78 -2.78 30.41 -21.19
C THR C 78 -3.61 31.30 -22.12
N LEU C 79 -4.85 31.56 -21.72
CA LEU C 79 -5.74 32.51 -22.38
C LEU C 79 -5.86 33.78 -21.52
N GLN C 80 -5.31 34.87 -22.02
CA GLN C 80 -5.37 36.13 -21.29
C GLN C 80 -5.86 37.23 -22.23
N GLY C 81 -6.87 37.96 -21.77
CA GLY C 81 -7.44 39.07 -22.52
C GLY C 81 -7.93 38.63 -23.88
N GLY C 82 -8.61 37.48 -23.91
CA GLY C 82 -9.16 36.94 -25.15
C GLY C 82 -8.14 36.36 -26.12
N LYS C 83 -6.89 36.20 -25.69
CA LYS C 83 -5.83 35.76 -26.58
C LYS C 83 -5.02 34.58 -26.02
N TRP C 84 -4.84 33.56 -26.85
CA TRP C 84 -3.93 32.46 -26.52
C TRP C 84 -2.47 32.90 -26.67
N GLY C 85 -1.65 32.57 -25.68
CA GLY C 85 -0.22 32.83 -25.79
C GLY C 85 0.52 31.81 -26.64
N SER C 86 1.83 31.75 -26.45
CA SER C 86 2.66 30.75 -27.12
CA SER C 86 2.67 30.75 -27.11
C SER C 86 2.36 29.35 -26.58
N GLU C 87 2.02 28.46 -27.48
CA GLU C 87 1.60 27.13 -27.13
C GLU C 87 2.81 26.30 -26.72
N GLU C 88 2.71 25.62 -25.59
CA GLU C 88 3.71 24.61 -25.24
C GLU C 88 3.12 23.26 -25.62
N ARG C 89 3.98 22.32 -25.98
CA ARG C 89 3.57 21.00 -26.43
C ARG C 89 4.46 19.89 -25.90
N LYS C 90 3.86 18.73 -25.68
CA LYS C 90 4.60 17.51 -25.45
C LYS C 90 4.03 16.43 -26.35
N ARG C 91 4.87 15.87 -27.21
CA ARG C 91 4.40 14.89 -28.20
CA ARG C 91 4.40 14.89 -28.19
C ARG C 91 4.43 13.48 -27.60
N SER C 92 3.70 13.33 -26.51
CA SER C 92 3.55 12.07 -25.83
C SER C 92 2.12 12.09 -25.29
N MET C 93 1.43 10.97 -25.44
CA MET C 93 0.04 10.87 -25.02
C MET C 93 -0.07 9.83 -23.91
N PRO C 94 -0.31 10.29 -22.66
CA PRO C 94 -0.39 9.39 -21.51
C PRO C 94 -1.77 8.81 -21.26
N PHE C 95 -2.78 9.29 -21.98
CA PHE C 95 -4.11 8.75 -21.90
C PHE C 95 -4.33 7.75 -23.03
N LYS C 96 -5.39 6.96 -22.88
CA LYS C 96 -5.70 5.91 -23.83
C LYS C 96 -7.20 5.83 -23.94
N LYS C 97 -7.70 5.81 -25.17
CA LYS C 97 -9.15 5.75 -25.39
C LYS C 97 -9.72 4.55 -24.65
N GLY C 98 -10.80 4.77 -23.92
CA GLY C 98 -11.46 3.69 -23.17
C GLY C 98 -10.94 3.46 -21.77
N ALA C 99 -9.72 3.94 -21.50
CA ALA C 99 -9.00 3.61 -20.26
C ALA C 99 -9.18 4.64 -19.15
N ALA C 100 -9.29 4.15 -17.92
CA ALA C 100 -9.35 4.99 -16.74
C ALA C 100 -8.00 5.65 -16.52
N PHE C 101 -8.01 6.88 -16.00
CA PHE C 101 -6.77 7.60 -15.74
C PHE C 101 -6.77 8.29 -14.38
N GLU C 102 -5.57 8.58 -13.90
CA GLU C 102 -5.39 9.41 -12.72
C GLU C 102 -4.55 10.61 -13.12
N LEU C 103 -5.16 11.79 -13.04
CA LEU C 103 -4.54 13.02 -13.51
C LEU C 103 -4.36 13.95 -12.32
N VAL C 104 -3.13 14.38 -12.09
CA VAL C 104 -2.82 15.17 -10.92
C VAL C 104 -2.06 16.43 -11.32
N PHE C 105 -2.51 17.57 -10.81
CA PHE C 105 -1.81 18.83 -10.93
C PHE C 105 -1.29 19.24 -9.54
N ILE C 106 0.03 19.31 -9.40
CA ILE C 106 0.64 19.78 -8.17
C ILE C 106 1.07 21.22 -8.37
N VAL C 107 0.47 22.11 -7.58
CA VAL C 107 0.65 23.53 -7.78
C VAL C 107 1.85 24.00 -6.99
N LEU C 108 2.91 24.37 -7.68
CA LEU C 108 4.14 24.78 -7.03
C LEU C 108 4.40 26.25 -7.34
N ALA C 109 5.36 26.82 -6.63
CA ALA C 109 5.60 28.25 -6.76
C ALA C 109 5.96 28.60 -8.21
N GLU C 110 6.74 27.75 -8.86
CA GLU C 110 7.25 28.07 -10.20
C GLU C 110 6.36 27.60 -11.35
N HIS C 111 5.56 26.57 -11.11
CA HIS C 111 4.83 25.92 -12.20
C HIS C 111 3.74 25.02 -11.65
N TYR C 112 2.85 24.61 -12.55
CA TYR C 112 1.99 23.46 -12.31
C TYR C 112 2.78 22.23 -12.71
N LYS C 113 2.89 21.27 -11.81
CA LYS C 113 3.46 19.98 -12.14
C LYS C 113 2.36 18.97 -12.49
N VAL C 114 2.41 18.44 -13.70
CA VAL C 114 1.39 17.50 -14.16
C VAL C 114 1.90 16.08 -14.03
N VAL C 115 1.12 15.22 -13.39
CA VAL C 115 1.48 13.82 -13.22
C VAL C 115 0.34 12.99 -13.75
N VAL C 116 0.62 12.06 -14.65
CA VAL C 116 -0.44 11.23 -15.22
C VAL C 116 -0.17 9.76 -14.94
N ASN C 117 -1.16 9.09 -14.36
CA ASN C 117 -1.03 7.71 -13.93
C ASN C 117 0.27 7.46 -13.19
N GLY C 118 0.58 8.36 -12.27
CA GLY C 118 1.73 8.20 -11.38
C GLY C 118 3.05 8.65 -11.95
N ASN C 119 3.08 9.08 -13.21
CA ASN C 119 4.34 9.47 -13.83
C ASN C 119 4.40 10.96 -14.14
N PRO C 120 5.46 11.64 -13.69
CA PRO C 120 5.62 13.05 -14.01
C PRO C 120 5.57 13.26 -15.52
N PHE C 121 4.81 14.26 -15.95
CA PHE C 121 4.56 14.43 -17.37
C PHE C 121 5.03 15.79 -17.86
N TYR C 122 4.72 16.84 -17.12
CA TYR C 122 5.11 18.17 -17.57
C TYR C 122 5.12 19.19 -16.43
N GLU C 123 5.88 20.25 -16.61
CA GLU C 123 5.90 21.37 -15.70
C GLU C 123 5.59 22.66 -16.48
N TYR C 124 4.44 23.24 -16.19
CA TYR C 124 4.00 24.45 -16.90
C TYR C 124 4.19 25.67 -16.04
N GLY C 125 5.13 26.53 -16.45
CA GLY C 125 5.43 27.75 -15.70
C GLY C 125 4.28 28.74 -15.68
N HIS C 126 4.08 29.37 -14.53
CA HIS C 126 3.01 30.33 -14.35
C HIS C 126 3.17 31.52 -15.27
N ARG C 127 2.07 31.89 -15.90
CA ARG C 127 2.03 33.10 -16.71
C ARG C 127 1.10 34.14 -16.09
N LEU C 128 -0.07 33.70 -15.63
CA LEU C 128 -0.89 34.49 -14.72
C LEU C 128 -0.62 34.09 -13.26
N PRO C 129 -0.65 35.04 -12.33
CA PRO C 129 -0.50 34.69 -10.93
C PRO C 129 -1.49 33.61 -10.52
N LEU C 130 -0.98 32.52 -9.94
CA LEU C 130 -1.83 31.37 -9.67
C LEU C 130 -2.97 31.71 -8.70
N GLN C 131 -2.77 32.70 -7.83
CA GLN C 131 -3.80 33.03 -6.86
C GLN C 131 -5.05 33.63 -7.49
N MET C 132 -4.96 34.04 -8.75
CA MET C 132 -6.12 34.61 -9.42
C MET C 132 -7.10 33.50 -9.83
N VAL C 133 -6.62 32.25 -9.85
CA VAL C 133 -7.46 31.11 -10.24
C VAL C 133 -8.51 30.80 -9.17
N THR C 134 -9.77 30.79 -9.57
CA THR C 134 -10.90 30.51 -8.67
C THR C 134 -11.71 29.24 -9.00
N HIS C 135 -11.59 28.76 -10.23
CA HIS C 135 -12.46 27.69 -10.71
C HIS C 135 -11.68 26.67 -11.52
N LEU C 136 -12.18 25.44 -11.52
CA LEU C 136 -11.65 24.40 -12.36
C LEU C 136 -12.74 24.01 -13.34
N GLN C 137 -12.35 23.86 -14.61
CA GLN C 137 -13.28 23.52 -15.64
C GLN C 137 -12.75 22.33 -16.43
N VAL C 138 -13.64 21.37 -16.66
CA VAL C 138 -13.27 20.15 -17.37
C VAL C 138 -14.38 19.81 -18.36
N ASP C 139 -13.98 19.50 -19.58
CA ASP C 139 -14.94 19.14 -20.62
C ASP C 139 -14.23 18.37 -21.71
N GLY C 140 -15.02 17.65 -22.51
CA GLY C 140 -14.46 16.89 -23.61
C GLY C 140 -14.97 15.47 -23.59
N ASP C 141 -14.23 14.60 -24.27
CA ASP C 141 -14.67 13.22 -24.48
C ASP C 141 -14.18 12.32 -23.34
N LEU C 142 -14.82 12.44 -22.18
CA LEU C 142 -14.46 11.61 -21.04
C LEU C 142 -15.62 11.45 -20.08
N GLN C 143 -15.47 10.48 -19.20
CA GLN C 143 -16.39 10.29 -18.09
C GLN C 143 -15.63 10.57 -16.81
N LEU C 144 -16.19 11.44 -15.98
CA LEU C 144 -15.54 11.91 -14.76
C LEU C 144 -15.99 11.06 -13.59
N GLN C 145 -15.04 10.47 -12.86
CA GLN C 145 -15.37 9.70 -11.66
CA GLN C 145 -15.37 9.70 -11.66
C GLN C 145 -15.26 10.57 -10.41
N SER C 146 -14.20 11.37 -10.33
CA SER C 146 -14.05 12.26 -9.18
C SER C 146 -13.07 13.40 -9.44
N ILE C 147 -13.31 14.51 -8.75
CA ILE C 147 -12.34 15.60 -8.72
C ILE C 147 -12.12 16.01 -7.27
N ASN C 148 -10.86 16.01 -6.83
CA ASN C 148 -10.53 16.34 -5.45
C ASN C 148 -9.46 17.39 -5.36
N PHE C 149 -9.59 18.25 -4.35
CA PHE C 149 -8.60 19.27 -4.06
C PHE C 149 -7.90 18.89 -2.77
N ILE C 150 -6.57 18.89 -2.81
CA ILE C 150 -5.72 18.44 -1.71
C ILE C 150 -4.80 19.57 -1.27
N GLY C 151 -4.54 19.68 0.04
CA GLY C 151 -3.47 20.57 0.55
C GLY C 151 -3.73 22.07 0.46
N PRO D 15 -16.80 -17.26 31.00
CA PRO D 15 -16.65 -18.27 29.95
C PRO D 15 -17.60 -18.08 28.77
N THR D 16 -18.48 -17.09 28.85
CA THR D 16 -19.21 -16.64 27.68
C THR D 16 -18.39 -15.59 26.94
N LEU D 17 -18.20 -15.82 25.64
CA LEU D 17 -17.67 -14.80 24.77
C LEU D 17 -18.81 -13.96 24.23
N PRO D 18 -18.59 -12.65 24.09
CA PRO D 18 -17.31 -12.03 24.39
C PRO D 18 -17.13 -11.75 25.87
N TYR D 19 -15.88 -11.72 26.31
CA TYR D 19 -15.57 -11.35 27.66
C TYR D 19 -15.06 -9.91 27.61
N TYR D 20 -15.57 -9.08 28.50
CA TYR D 20 -15.14 -7.69 28.52
C TYR D 20 -15.51 -7.16 29.90
N GLN D 21 -14.51 -7.14 30.78
CA GLN D 21 -14.77 -6.94 32.19
C GLN D 21 -13.73 -5.98 32.76
N PRO D 22 -14.13 -5.24 33.81
CA PRO D 22 -13.15 -4.44 34.52
C PRO D 22 -12.13 -5.35 35.17
N ILE D 23 -10.87 -4.92 35.14
CA ILE D 23 -9.82 -5.54 35.92
C ILE D 23 -9.93 -4.96 37.32
N PRO D 24 -10.23 -5.80 38.33
CA PRO D 24 -10.40 -5.22 39.67
C PRO D 24 -9.12 -4.52 40.18
N GLY D 25 -9.22 -3.23 40.49
CA GLY D 25 -8.08 -2.46 40.98
C GLY D 25 -7.20 -1.91 39.88
N GLY D 26 -7.55 -2.22 38.64
CA GLY D 26 -6.67 -1.90 37.51
C GLY D 26 -5.42 -2.75 37.52
N LEU D 27 -4.46 -2.35 36.68
CA LEU D 27 -3.21 -3.10 36.51
C LEU D 27 -2.15 -2.54 37.44
N ASN D 28 -1.35 -3.44 38.04
CA ASN D 28 -0.13 -3.04 38.74
C ASN D 28 1.00 -3.97 38.42
N VAL D 29 2.22 -3.46 38.48
CA VAL D 29 3.41 -4.26 38.30
C VAL D 29 3.32 -5.41 39.29
N GLY D 30 3.71 -6.60 38.86
CA GLY D 30 3.63 -7.79 39.72
C GLY D 30 2.37 -8.61 39.51
N MET D 31 1.38 -8.02 38.85
CA MET D 31 0.10 -8.69 38.64
C MET D 31 0.22 -9.62 37.44
N SER D 32 -0.55 -10.71 37.47
CA SER D 32 -0.70 -11.60 36.31
C SER D 32 -2.16 -11.75 35.91
N VAL D 33 -2.36 -11.93 34.61
CA VAL D 33 -3.64 -12.33 34.06
C VAL D 33 -3.47 -13.75 33.56
N TYR D 34 -4.29 -14.66 34.07
CA TYR D 34 -4.16 -16.07 33.76
C TYR D 34 -5.41 -16.54 33.03
N ILE D 35 -5.27 -16.81 31.73
CA ILE D 35 -6.40 -17.20 30.91
C ILE D 35 -6.29 -18.67 30.57
N GLN D 36 -7.35 -19.40 30.84
CA GLN D 36 -7.44 -20.80 30.42
C GLN D 36 -8.56 -20.92 29.42
N GLY D 37 -8.25 -21.55 28.30
CA GLY D 37 -9.19 -21.68 27.23
C GLY D 37 -8.78 -22.77 26.26
N VAL D 38 -9.63 -23.00 25.26
CA VAL D 38 -9.34 -23.95 24.21
C VAL D 38 -9.45 -23.26 22.87
N ALA D 39 -8.38 -23.29 22.09
CA ALA D 39 -8.45 -22.82 20.73
C ALA D 39 -9.44 -23.68 19.95
N SER D 40 -10.33 -23.02 19.22
CA SER D 40 -11.35 -23.72 18.45
C SER D 40 -10.68 -24.62 17.42
N GLU D 41 -11.35 -25.73 17.10
CA GLU D 41 -10.84 -26.65 16.08
C GLU D 41 -10.69 -25.94 14.75
N HIS D 42 -11.48 -24.90 14.51
CA HIS D 42 -11.36 -24.18 13.25
C HIS D 42 -10.94 -22.72 13.46
N MET D 43 -10.14 -22.49 14.48
CA MET D 43 -9.66 -21.15 14.80
C MET D 43 -8.97 -20.47 13.61
N LYS D 44 -9.38 -19.24 13.33
CA LYS D 44 -8.56 -18.35 12.52
C LYS D 44 -7.77 -17.40 13.44
N ARG D 45 -8.47 -16.65 14.29
CA ARG D 45 -7.83 -15.71 15.19
C ARG D 45 -8.57 -15.67 16.52
N PHE D 46 -7.86 -15.29 17.58
CA PHE D 46 -8.50 -14.69 18.73
C PHE D 46 -7.64 -13.55 19.24
N PHE D 47 -8.20 -12.73 20.13
CA PHE D 47 -7.45 -11.63 20.70
C PHE D 47 -7.75 -11.43 22.17
N VAL D 48 -6.74 -10.89 22.85
CA VAL D 48 -6.87 -10.43 24.21
C VAL D 48 -6.45 -8.98 24.18
N ASN D 49 -7.32 -8.10 24.65
CA ASN D 49 -7.04 -6.67 24.70
C ASN D 49 -7.00 -6.14 26.13
N PHE D 50 -5.95 -5.38 26.44
CA PHE D 50 -5.87 -4.61 27.68
C PHE D 50 -6.30 -3.20 27.38
N VAL D 51 -7.47 -2.81 27.89
CA VAL D 51 -8.14 -1.61 27.36
C VAL D 51 -8.12 -0.46 28.34
N VAL D 52 -7.89 0.74 27.81
CA VAL D 52 -7.97 1.98 28.57
C VAL D 52 -9.40 2.50 28.43
N GLY D 53 -10.28 2.04 29.32
CA GLY D 53 -11.69 2.39 29.26
C GLY D 53 -12.55 1.23 28.84
N GLN D 54 -13.85 1.49 28.72
CA GLN D 54 -14.81 0.46 28.36
C GLN D 54 -15.67 0.86 27.17
N ASP D 55 -15.60 2.14 26.78
CA ASP D 55 -16.50 2.67 25.77
C ASP D 55 -16.01 2.25 24.39
N PRO D 56 -16.92 2.24 23.40
CA PRO D 56 -16.45 2.01 22.04
C PRO D 56 -15.37 3.03 21.67
N GLY D 57 -14.35 2.58 20.94
CA GLY D 57 -13.26 3.45 20.50
C GLY D 57 -12.16 3.65 21.52
N SER D 58 -12.28 3.02 22.69
CA SER D 58 -11.25 3.15 23.70
C SER D 58 -9.88 2.67 23.18
N ASP D 59 -8.83 3.31 23.67
CA ASP D 59 -7.49 2.90 23.34
C ASP D 59 -7.20 1.52 23.92
N VAL D 60 -6.39 0.77 23.19
CA VAL D 60 -5.98 -0.55 23.60
C VAL D 60 -4.49 -0.53 23.87
N ALA D 61 -4.13 -0.63 25.15
CA ALA D 61 -2.71 -0.60 25.55
C ALA D 61 -1.91 -1.76 24.95
N PHE D 62 -2.55 -2.93 24.88
CA PHE D 62 -1.88 -4.16 24.43
C PHE D 62 -2.93 -5.06 23.82
N HIS D 63 -2.73 -5.31 22.54
CA HIS D 63 -3.51 -6.25 21.74
C HIS D 63 -2.64 -7.46 21.43
N PHE D 64 -3.09 -8.64 21.89
CA PHE D 64 -2.40 -9.92 21.69
C PHE D 64 -3.26 -10.79 20.78
N ASN D 65 -2.73 -11.18 19.63
CA ASN D 65 -3.58 -11.63 18.52
C ASN D 65 -2.95 -12.79 17.76
N PRO D 66 -3.13 -14.02 18.27
CA PRO D 66 -2.68 -15.20 17.51
C PRO D 66 -3.46 -15.35 16.21
N ARG D 67 -2.73 -15.67 15.13
CA ARG D 67 -3.34 -15.83 13.82
C ARG D 67 -2.91 -17.12 13.12
N PHE D 68 -3.90 -17.90 12.70
CA PHE D 68 -3.64 -19.09 11.90
C PHE D 68 -3.79 -18.85 10.41
N ASP D 69 -4.44 -17.77 10.01
CA ASP D 69 -4.57 -17.49 8.57
C ASP D 69 -3.21 -17.14 8.00
N GLY D 70 -2.77 -17.90 7.01
CA GLY D 70 -1.43 -17.69 6.46
C GLY D 70 -0.37 -18.41 7.29
N TRP D 71 0.84 -17.88 7.24
CA TRP D 71 1.95 -18.42 7.99
C TRP D 71 1.74 -18.07 9.45
N ASP D 72 1.43 -19.07 10.27
CA ASP D 72 1.01 -18.83 11.66
C ASP D 72 1.95 -17.89 12.40
N LYS D 73 1.36 -16.92 13.10
CA LYS D 73 2.13 -15.97 13.88
C LYS D 73 1.26 -15.37 14.99
N VAL D 74 1.92 -14.70 15.93
CA VAL D 74 1.19 -13.88 16.90
C VAL D 74 1.54 -12.41 16.68
N VAL D 75 0.49 -11.60 16.60
CA VAL D 75 0.65 -10.16 16.39
C VAL D 75 0.46 -9.44 17.71
N PHE D 76 1.29 -8.45 17.96
CA PHE D 76 1.17 -7.62 19.15
C PHE D 76 1.09 -6.15 18.73
N ASN D 77 0.18 -5.38 19.30
CA ASN D 77 0.07 -3.98 18.93
C ASN D 77 -0.69 -3.15 19.96
N THR D 78 -0.72 -1.85 19.70
CA THR D 78 -1.39 -0.88 20.53
C THR D 78 -2.29 0.00 19.64
N LEU D 79 -3.50 0.26 20.13
CA LEU D 79 -4.45 1.15 19.44
C LEU D 79 -4.53 2.44 20.21
N GLN D 80 -4.27 3.55 19.51
CA GLN D 80 -4.26 4.87 20.13
CA GLN D 80 -4.30 4.86 20.14
C GLN D 80 -5.00 5.86 19.23
N GLY D 81 -6.01 6.53 19.77
CA GLY D 81 -6.81 7.47 19.02
C GLY D 81 -7.35 6.89 17.72
N GLY D 82 -7.81 5.66 17.75
CA GLY D 82 -8.34 5.02 16.56
C GLY D 82 -7.29 4.52 15.58
N LYS D 83 -6.00 4.69 15.90
CA LYS D 83 -4.94 4.26 14.99
C LYS D 83 -4.09 3.13 15.57
N TRP D 84 -3.99 2.04 14.82
CA TRP D 84 -3.09 0.96 15.24
C TRP D 84 -1.63 1.39 15.02
N GLY D 85 -0.77 1.06 15.97
CA GLY D 85 0.65 1.37 15.86
C GLY D 85 1.37 0.37 15.00
N SER D 86 2.70 0.38 15.09
CA SER D 86 3.49 -0.58 14.35
C SER D 86 3.42 -1.96 15.00
N GLU D 87 2.94 -2.93 14.26
CA GLU D 87 2.77 -4.27 14.76
C GLU D 87 4.10 -4.88 15.13
N GLU D 88 4.12 -5.61 16.24
CA GLU D 88 5.21 -6.57 16.45
C GLU D 88 4.65 -7.93 16.11
N ARG D 89 5.51 -8.85 15.70
CA ARG D 89 5.07 -10.21 15.41
CA ARG D 89 5.07 -10.22 15.43
C ARG D 89 6.11 -11.21 15.89
N LYS D 90 5.64 -12.35 16.33
CA LYS D 90 6.50 -13.49 16.57
C LYS D 90 6.00 -14.59 15.67
N ARG D 91 6.90 -15.08 14.85
CA ARG D 91 6.58 -16.11 13.89
C ARG D 91 6.63 -17.46 14.55
N SER D 92 5.81 -17.66 15.56
CA SER D 92 5.78 -18.91 16.27
C SER D 92 4.41 -19.02 16.87
N MET D 93 3.80 -20.19 16.72
CA MET D 93 2.43 -20.38 17.13
C MET D 93 2.42 -21.37 18.28
N PRO D 94 2.22 -20.86 19.51
CA PRO D 94 2.21 -21.74 20.67
C PRO D 94 0.84 -22.36 20.93
N PHE D 95 -0.16 -21.93 20.17
CA PHE D 95 -1.49 -22.51 20.25
C PHE D 95 -1.70 -23.58 19.19
N LYS D 96 -2.69 -24.42 19.41
CA LYS D 96 -3.04 -25.46 18.45
C LYS D 96 -4.53 -25.56 18.33
N LYS D 97 -5.01 -25.68 17.10
CA LYS D 97 -6.44 -25.83 16.89
C LYS D 97 -6.95 -27.00 17.72
N GLY D 98 -8.00 -26.76 18.50
CA GLY D 98 -8.60 -27.79 19.32
C GLY D 98 -7.94 -28.05 20.66
N ALA D 99 -6.79 -27.41 20.91
CA ALA D 99 -6.01 -27.66 22.14
C ALA D 99 -6.26 -26.62 23.23
N ALA D 100 -6.30 -27.09 24.47
CA ALA D 100 -6.42 -26.24 25.63
C ALA D 100 -5.10 -25.52 25.81
N PHE D 101 -5.15 -24.32 26.38
CA PHE D 101 -3.93 -23.58 26.60
C PHE D 101 -3.94 -22.90 27.94
N GLU D 102 -2.75 -22.61 28.45
CA GLU D 102 -2.57 -21.83 29.67
C GLU D 102 -1.83 -20.56 29.26
N LEU D 103 -2.53 -19.43 29.29
CA LEU D 103 -1.99 -18.21 28.77
C LEU D 103 -1.87 -17.22 29.92
N VAL D 104 -0.66 -16.78 30.18
CA VAL D 104 -0.39 -15.89 31.27
C VAL D 104 0.26 -14.60 30.78
N PHE D 105 -0.22 -13.47 31.30
CA PHE D 105 0.42 -12.19 31.08
C PHE D 105 0.91 -11.69 32.42
N ILE D 106 2.23 -11.58 32.57
CA ILE D 106 2.82 -11.01 33.77
C ILE D 106 3.12 -9.55 33.51
N VAL D 107 2.53 -8.69 34.34
CA VAL D 107 2.67 -7.27 34.13
C VAL D 107 3.90 -6.76 34.86
N LEU D 108 4.90 -6.34 34.11
CA LEU D 108 6.15 -5.90 34.69
C LEU D 108 6.38 -4.44 34.33
N ALA D 109 7.39 -3.82 34.93
CA ALA D 109 7.62 -2.40 34.77
C ALA D 109 7.86 -2.02 33.31
N GLU D 110 8.63 -2.85 32.61
CA GLU D 110 9.11 -2.56 31.26
C GLU D 110 8.22 -3.15 30.16
N HIS D 111 7.51 -4.22 30.48
CA HIS D 111 6.76 -4.94 29.47
C HIS D 111 5.69 -5.86 30.05
N TYR D 112 4.80 -6.33 29.18
CA TYR D 112 3.99 -7.48 29.46
C TYR D 112 4.78 -8.73 29.07
N LYS D 113 4.99 -9.63 30.01
CA LYS D 113 5.65 -10.88 29.69
C LYS D 113 4.59 -11.95 29.40
N VAL D 114 4.62 -12.50 28.20
CA VAL D 114 3.63 -13.51 27.82
C VAL D 114 4.25 -14.90 27.97
N VAL D 115 3.53 -15.77 28.67
CA VAL D 115 3.94 -17.15 28.91
C VAL D 115 2.80 -18.05 28.46
N VAL D 116 3.09 -18.98 27.57
CA VAL D 116 2.07 -19.91 27.07
C VAL D 116 2.44 -21.35 27.37
N ASN D 117 1.51 -22.09 27.97
CA ASN D 117 1.75 -23.47 28.40
C ASN D 117 3.09 -23.61 29.11
N GLY D 118 3.40 -22.62 29.95
CA GLY D 118 4.56 -22.63 30.82
C GLY D 118 5.86 -22.18 30.17
N ASN D 119 5.83 -21.90 28.88
CA ASN D 119 7.01 -21.44 28.16
C ASN D 119 6.95 -19.93 27.92
N PRO D 120 7.96 -19.21 28.41
CA PRO D 120 8.02 -17.80 28.09
C PRO D 120 7.97 -17.61 26.59
N PHE D 121 7.14 -16.69 26.13
CA PHE D 121 6.85 -16.54 24.70
C PHE D 121 7.28 -15.20 24.12
N TYR D 122 7.03 -14.10 24.85
CA TYR D 122 7.26 -12.75 24.31
C TYR D 122 7.23 -11.70 25.42
N GLU D 123 7.94 -10.61 25.18
CA GLU D 123 7.91 -9.47 26.07
C GLU D 123 7.50 -8.22 25.28
N TYR D 124 6.32 -7.68 25.58
CA TYR D 124 5.79 -6.56 24.83
C TYR D 124 5.94 -5.28 25.63
N GLY D 125 6.79 -4.39 25.12
CA GLY D 125 7.07 -3.15 25.81
C GLY D 125 5.83 -2.27 25.90
N HIS D 126 5.65 -1.62 27.05
CA HIS D 126 4.52 -0.72 27.22
C HIS D 126 4.56 0.45 26.24
N ARG D 127 3.44 0.71 25.58
CA ARG D 127 3.29 1.91 24.77
C ARG D 127 2.30 2.91 25.35
N LEU D 128 1.35 2.40 26.13
CA LEU D 128 0.51 3.23 26.97
C LEU D 128 0.72 2.79 28.41
N PRO D 129 0.47 3.70 29.38
CA PRO D 129 0.75 3.37 30.78
C PRO D 129 -0.11 2.23 31.30
N LEU D 130 0.53 1.21 31.85
CA LEU D 130 -0.20 0.10 32.46
C LEU D 130 -1.17 0.61 33.53
N GLN D 131 -0.80 1.67 34.23
CA GLN D 131 -1.66 2.24 35.28
C GLN D 131 -2.99 2.75 34.74
N MET D 132 -3.09 2.98 33.43
CA MET D 132 -4.32 3.52 32.82
C MET D 132 -5.24 2.45 32.27
N VAL D 133 -4.77 1.20 32.24
CA VAL D 133 -5.59 0.09 31.76
C VAL D 133 -6.67 -0.27 32.78
N THR D 134 -7.91 -0.41 32.32
CA THR D 134 -9.02 -0.62 33.24
C THR D 134 -9.78 -1.91 32.98
N HIS D 135 -9.75 -2.38 31.72
CA HIS D 135 -10.60 -3.49 31.31
C HIS D 135 -9.83 -4.53 30.52
N LEU D 136 -10.36 -5.76 30.54
CA LEU D 136 -9.81 -6.85 29.74
C LEU D 136 -10.90 -7.37 28.82
N GLN D 137 -10.58 -7.45 27.54
CA GLN D 137 -11.50 -7.89 26.54
C GLN D 137 -10.89 -9.10 25.84
N VAL D 138 -11.67 -10.16 25.71
CA VAL D 138 -11.22 -11.38 25.06
C VAL D 138 -12.33 -11.87 24.15
N ASP D 139 -11.98 -12.21 22.92
CA ASP D 139 -12.96 -12.64 21.94
C ASP D 139 -12.28 -13.36 20.79
N GLY D 140 -13.08 -14.07 20.00
CA GLY D 140 -12.57 -14.73 18.81
C GLY D 140 -12.86 -16.20 18.87
N ASP D 141 -12.02 -16.98 18.18
CA ASP D 141 -12.30 -18.39 17.93
C ASP D 141 -11.71 -19.27 19.00
N LEU D 142 -12.24 -19.15 20.22
CA LEU D 142 -11.81 -19.99 21.32
C LEU D 142 -12.98 -20.25 22.24
N GLN D 143 -12.86 -21.27 23.07
CA GLN D 143 -13.73 -21.42 24.23
CA GLN D 143 -13.73 -21.42 24.23
C GLN D 143 -12.97 -21.00 25.49
N LEU D 144 -13.60 -20.19 26.32
CA LEU D 144 -12.98 -19.71 27.55
C LEU D 144 -13.32 -20.66 28.69
N GLN D 145 -12.31 -21.12 29.42
CA GLN D 145 -12.52 -21.90 30.63
C GLN D 145 -12.52 -20.99 31.86
N SER D 146 -11.56 -20.10 31.96
CA SER D 146 -11.52 -19.20 33.10
C SER D 146 -10.61 -18.01 32.81
N ILE D 147 -10.87 -16.92 33.53
CA ILE D 147 -9.95 -15.77 33.51
C ILE D 147 -9.74 -15.33 34.94
N ASN D 148 -8.47 -15.27 35.34
CA ASN D 148 -8.12 -14.91 36.71
C ASN D 148 -7.07 -13.81 36.77
N PHE D 149 -7.25 -12.92 37.74
CA PHE D 149 -6.29 -11.88 38.01
C PHE D 149 -5.58 -12.23 39.30
N ILE D 150 -4.26 -12.18 39.27
CA ILE D 150 -3.46 -12.67 40.38
C ILE D 150 -2.43 -11.63 40.75
N GLY D 151 -2.29 -11.38 42.04
CA GLY D 151 -1.27 -10.47 42.54
C GLY D 151 -1.60 -8.99 42.42
N GLY D 152 -2.88 -8.67 42.27
CA GLY D 152 -3.32 -7.27 42.10
C GLY D 152 -3.21 -6.41 43.35
C2 BGC E . 13.88 -2.92 -12.54
C3 BGC E . 13.80 -3.35 -11.09
C4 BGC E . 12.35 -3.61 -10.73
C5 BGC E . 11.75 -4.61 -11.72
C6 BGC E . 10.29 -4.92 -11.48
C1 BGC E . 13.20 -3.95 -13.44
O1 BGC E . 13.25 -3.47 -14.78
O2 BGC E . 15.25 -2.82 -12.90
O3 BGC E . 14.39 -2.35 -10.24
O4 BGC E . 12.34 -4.12 -9.39
O5 BGC E . 11.84 -4.08 -13.04
O6 BGC E . 9.57 -3.69 -11.56
C1 GAL E . 11.36 -3.50 -8.55
C2 GAL E . 11.29 -4.22 -7.19
C3 GAL E . 10.40 -3.49 -6.20
C4 GAL E . 10.74 -1.99 -6.19
C5 GAL E . 10.75 -1.43 -7.60
C6 GAL E . 11.04 0.08 -7.61
O2 GAL E . 10.76 -5.54 -7.40
O3 GAL E . 10.56 -4.06 -4.88
O4 GAL E . 12.02 -1.76 -5.59
O5 GAL E . 11.73 -2.14 -8.35
O6 GAL E . 11.20 0.53 -8.96
C2 BGC F . 11.71 -9.44 -18.80
C3 BGC F . 10.38 -8.93 -18.27
C4 BGC F . 10.56 -8.25 -16.92
C5 BGC F . 11.66 -7.20 -17.03
C6 BGC F . 11.88 -6.43 -15.71
C1 BGC F . 12.76 -8.34 -18.77
O1 BGC F . 14.01 -8.89 -19.21
O2 BGC F . 11.56 -9.88 -20.16
O3 BGC F . 9.44 -10.00 -18.19
O4 BGC F . 9.34 -7.60 -16.58
O5 BGC F . 12.87 -7.82 -17.44
O6 BGC F . 11.86 -7.32 -14.58
C1 GAL F . 8.78 -7.97 -15.32
C2 GAL F . 7.48 -7.21 -15.19
C3 GAL F . 6.81 -7.54 -13.87
C4 GAL F . 6.59 -9.03 -13.77
C5 GAL F . 7.92 -9.74 -14.03
C6 GAL F . 7.77 -11.24 -14.03
O2 GAL F . 7.71 -5.81 -15.27
O3 GAL F . 5.55 -6.86 -13.83
O4 GAL F . 5.60 -9.43 -14.74
O5 GAL F . 8.50 -9.36 -15.28
O6 GAL F . 9.07 -11.82 -14.17
C2 BGC G . -2.43 25.76 -33.15
C3 BGC G . -3.68 25.23 -32.45
C4 BGC G . -4.50 26.42 -31.97
C5 BGC G . -4.73 27.44 -33.08
C6 BGC G . -5.48 28.69 -32.62
C1 BGC G . -2.88 26.67 -34.26
O1 BGC G . -1.75 27.02 -35.04
O2 BGC G . -1.66 24.68 -33.70
O3 BGC G . -3.30 24.37 -31.37
O4 BGC G . -5.74 25.90 -31.50
O5 BGC G . -3.48 27.82 -33.66
O6 BGC G . -4.73 29.42 -31.65
C1 GAL G . -6.07 26.39 -30.19
C2 GAL G . -7.42 25.81 -29.82
C3 GAL G . -7.81 26.11 -28.38
C4 GAL G . -6.66 25.80 -27.44
C5 GAL G . -5.38 26.47 -27.91
C6 GAL G . -4.18 26.17 -27.05
O2 GAL G . -8.40 26.34 -30.74
O3 GAL G . -8.94 25.30 -28.01
O4 GAL G . -6.47 24.37 -27.37
O5 GAL G . -5.07 26.01 -29.23
O6 GAL G . -3.04 26.78 -27.66
C2 BGC H . -1.82 -5.30 8.95
C3 BGC H . -3.02 -5.98 9.57
C4 BGC H . -3.91 -4.93 10.24
C5 BGC H . -4.28 -3.82 9.25
C6 BGC H . -5.18 -2.77 9.89
C1 BGC H . -2.25 -4.13 8.08
O1 BGC H . -1.06 -3.45 7.63
O2 BGC H . -1.07 -6.28 8.21
O3 BGC H . -2.54 -6.97 10.51
O4 BGC H . -5.09 -5.52 10.73
O5 BGC H . -3.06 -3.19 8.81
O6 BGC H . -4.47 -2.02 10.90
C1 GAL H . -5.39 -5.13 12.04
C2 GAL H . -6.69 -5.81 12.44
C3 GAL H . -7.01 -5.54 13.92
C4 GAL H . -5.81 -5.85 14.80
C5 GAL H . -4.57 -5.14 14.26
C6 GAL H . -3.31 -5.42 15.08
O2 GAL H . -7.75 -5.27 11.65
O3 GAL H . -8.18 -6.27 14.31
O4 GAL H . -5.59 -7.28 14.93
O5 GAL H . -4.35 -5.55 12.91
O6 GAL H . -2.17 -4.79 14.46
CA CA I . 27.01 -4.93 -5.65
CA CA J . 1.13 -10.03 -29.68
CA CA K . -3.81 10.43 -33.52
C ACT L . -0.36 8.70 -33.04
O ACT L . -1.01 9.73 -33.28
OXT ACT L . -0.61 7.62 -33.62
CH3 ACT L . 0.76 8.76 -32.03
CA CA M . -1.77 -21.22 8.84
C ACT N . 2.00 -22.75 9.50
O ACT N . 1.40 -21.69 9.24
OXT ACT N . 1.74 -23.83 8.89
CH3 ACT N . 3.05 -22.76 10.57
#